data_3EPR
#
_entry.id   3EPR
#
_cell.length_a   82.367
_cell.length_b   82.954
_cell.length_c   99.604
_cell.angle_alpha   90.000
_cell.angle_beta   90.000
_cell.angle_gamma   90.000
#
_symmetry.space_group_name_H-M   'I 2 2 2'
#
loop_
_entity.id
_entity.type
_entity.pdbx_description
1 polymer 'Hydrolase, haloacid dehalogenase-like family'
2 non-polymer GLYCEROL
3 non-polymer 'SODIUM ION'
4 water water
#
_entity_poly.entity_id   1
_entity_poly.type   'polypeptide(L)'
_entity_poly.pdbx_seq_one_letter_code
;MSLAYKGYLIDLDGTIYKGKSRIPAGERFIERLQEKGIPYMLVTNNTTRTPESVQEMLRGFNVETPLETIYTATMATVDY
MNDMNRGKTAYVIGEEGLKKAIADAGYVEDTKNPAYVVVGLDWNVTYDKLATATLAIQNGALFIGTNPDLNIPTERGLLP
GAGSLNALLEAATRIKPVFIGKPNAIIMNKALEILNIPRNQAVMVGDNYLTDIMAGINNDIDTLLVTTGFTTVEEVPDLP
IQPSYVLASLDEWTFNEGHHHHHH
;
_entity_poly.pdbx_strand_id   A
#
loop_
_chem_comp.id
_chem_comp.type
_chem_comp.name
_chem_comp.formula
GOL non-polymer GLYCEROL 'C3 H8 O3'
NA non-polymer 'SODIUM ION' 'Na 1'
#
# COMPACT_ATOMS: atom_id res chain seq x y z
N SER A 2 -13.57 11.11 25.29
CA SER A 2 -13.53 9.61 25.27
C SER A 2 -14.27 9.04 24.05
N LEU A 3 -14.24 9.81 22.97
CA LEU A 3 -14.79 9.37 21.69
C LEU A 3 -13.94 8.27 21.05
N ALA A 4 -14.61 7.22 20.59
CA ALA A 4 -13.93 6.13 19.91
C ALA A 4 -13.46 6.58 18.54
N TYR A 5 -12.44 5.91 18.00
CA TYR A 5 -12.05 6.17 16.60
C TYR A 5 -13.25 6.09 15.68
N LYS A 6 -13.28 7.00 14.71
CA LYS A 6 -14.40 7.13 13.78
C LYS A 6 -14.16 6.51 12.40
N GLY A 7 -12.92 6.12 12.13
CA GLY A 7 -12.59 5.46 10.86
C GLY A 7 -11.29 4.70 10.93
N TYR A 8 -11.16 3.70 10.06
CA TYR A 8 -10.04 2.79 10.08
C TYR A 8 -9.38 2.68 8.71
N LEU A 9 -8.05 2.64 8.71
CA LEU A 9 -7.26 2.33 7.50
C LEU A 9 -6.60 1.00 7.84
N ILE A 10 -6.73 -0.01 6.97
CA ILE A 10 -6.38 -1.39 7.36
C ILE A 10 -5.58 -2.13 6.28
N ASP A 11 -4.44 -2.71 6.65
CA ASP A 11 -3.63 -3.52 5.73
C ASP A 11 -4.38 -4.83 5.44
N LEU A 12 -3.97 -5.52 4.40
CA LEU A 12 -4.64 -6.78 4.04
C LEU A 12 -3.79 -8.00 4.37
N ASP A 13 -2.80 -8.33 3.55
CA ASP A 13 -2.00 -9.55 3.71
C ASP A 13 -1.18 -9.41 4.98
N GLY A 14 -1.34 -10.37 5.88
CA GLY A 14 -0.68 -10.35 7.18
C GLY A 14 -1.58 -9.86 8.30
N THR A 15 -2.75 -9.29 7.93
CA THR A 15 -3.66 -8.65 8.88
C THR A 15 -5.09 -9.25 8.80
N ILE A 16 -5.66 -9.29 7.59
CA ILE A 16 -7.03 -9.82 7.38
C ILE A 16 -6.97 -11.26 6.91
N TYR A 17 -5.89 -11.63 6.24
CA TYR A 17 -5.62 -13.01 5.79
C TYR A 17 -4.11 -13.14 5.72
N LYS A 18 -3.59 -14.33 5.47
CA LYS A 18 -2.12 -14.45 5.43
C LYS A 18 -1.75 -15.38 4.28
N GLY A 19 -1.39 -14.79 3.14
CA GLY A 19 -1.18 -15.58 1.91
C GLY A 19 -2.43 -16.31 1.54
N LYS A 20 -2.34 -17.64 1.48
CA LYS A 20 -3.49 -18.49 1.15
C LYS A 20 -4.27 -18.91 2.42
N SER A 21 -3.76 -18.51 3.60
CA SER A 21 -4.32 -18.96 4.88
C SER A 21 -5.21 -17.90 5.49
N ARG A 22 -6.13 -18.33 6.34
CA ARG A 22 -7.00 -17.41 7.05
C ARG A 22 -6.28 -16.78 8.24
N ILE A 23 -6.75 -15.59 8.60
CA ILE A 23 -6.62 -15.04 9.94
C ILE A 23 -8.06 -14.77 10.39
N PRO A 24 -8.66 -15.77 11.04
CA PRO A 24 -10.07 -15.64 11.35
C PRO A 24 -10.43 -14.39 12.15
N ALA A 25 -9.55 -13.95 13.06
CA ALA A 25 -9.86 -12.74 13.81
C ALA A 25 -9.84 -11.48 12.90
N GLY A 26 -9.08 -11.55 11.80
CA GLY A 26 -9.10 -10.47 10.82
C GLY A 26 -10.47 -10.39 10.11
N GLU A 27 -11.01 -11.56 9.74
CA GLU A 27 -12.33 -11.62 9.15
C GLU A 27 -13.37 -11.04 10.11
N ARG A 28 -13.26 -11.39 11.40
CA ARG A 28 -14.21 -10.89 12.41
C ARG A 28 -14.04 -9.39 12.66
N PHE A 29 -12.83 -8.89 12.45
CA PHE A 29 -12.58 -7.43 12.63
C PHE A 29 -13.42 -6.66 11.59
N ILE A 30 -13.38 -7.10 10.33
CA ILE A 30 -14.17 -6.45 9.28
C ILE A 30 -15.67 -6.63 9.55
N GLU A 31 -16.06 -7.86 9.94
CA GLU A 31 -17.46 -8.17 10.29
C GLU A 31 -17.99 -7.20 11.34
N ARG A 32 -17.19 -6.98 12.39
CA ARG A 32 -17.54 -6.10 13.49
C ARG A 32 -17.60 -4.62 13.05
N LEU A 33 -16.64 -4.19 12.24
CA LEU A 33 -16.71 -2.83 11.67
C LEU A 33 -18.04 -2.64 10.94
N GLN A 34 -18.43 -3.66 10.17
CA GLN A 34 -19.58 -3.54 9.32
C GLN A 34 -20.86 -3.49 10.17
N GLU A 35 -20.89 -4.34 11.21
CA GLU A 35 -22.06 -4.41 12.09
C GLU A 35 -22.22 -3.08 12.83
N LYS A 36 -21.10 -2.45 13.19
CA LYS A 36 -21.13 -1.17 13.88
C LYS A 36 -21.27 0.05 12.97
N GLY A 37 -21.20 -0.16 11.66
CA GLY A 37 -21.37 0.93 10.70
C GLY A 37 -20.18 1.88 10.67
N ILE A 38 -19.01 1.40 11.07
CA ILE A 38 -17.81 2.26 11.15
C ILE A 38 -17.10 2.26 9.80
N PRO A 39 -16.86 3.45 9.23
CA PRO A 39 -16.18 3.44 7.94
C PRO A 39 -14.73 2.95 7.99
N TYR A 40 -14.29 2.29 6.92
CA TYR A 40 -12.94 1.79 6.85
C TYR A 40 -12.47 1.78 5.39
N MET A 41 -11.15 1.77 5.22
CA MET A 41 -10.53 1.52 3.93
C MET A 41 -9.54 0.38 4.12
N LEU A 42 -9.40 -0.44 3.07
CA LEU A 42 -8.42 -1.48 2.99
C LEU A 42 -7.31 -0.97 2.09
N VAL A 43 -6.14 -0.74 2.69
CA VAL A 43 -5.03 -0.02 2.02
C VAL A 43 -3.84 -0.92 1.83
N THR A 44 -3.51 -1.22 0.56
CA THR A 44 -2.46 -2.16 0.27
C THR A 44 -1.42 -1.60 -0.73
N ASN A 45 -0.15 -1.96 -0.55
CA ASN A 45 0.94 -1.62 -1.50
C ASN A 45 0.98 -2.55 -2.69
N ASN A 46 0.11 -3.56 -2.71
CA ASN A 46 0.20 -4.47 -3.81
C ASN A 46 -0.29 -3.84 -5.10
N THR A 47 0.48 -4.06 -6.18
CA THR A 47 0.17 -3.46 -7.47
C THR A 47 -0.25 -4.47 -8.52
N THR A 48 -0.51 -5.71 -8.11
CA THR A 48 -0.81 -6.72 -9.14
C THR A 48 -2.28 -7.03 -9.35
N ARG A 49 -3.14 -6.65 -8.41
CA ARG A 49 -4.58 -6.89 -8.54
C ARG A 49 -5.43 -5.64 -8.75
N THR A 50 -6.45 -5.76 -9.59
CA THR A 50 -7.54 -4.79 -9.61
C THR A 50 -8.26 -4.81 -8.27
N PRO A 51 -8.95 -3.71 -7.92
CA PRO A 51 -9.79 -3.73 -6.72
C PRO A 51 -10.89 -4.79 -6.84
N GLU A 52 -11.37 -5.06 -8.06
CA GLU A 52 -12.36 -6.16 -8.25
C GLU A 52 -11.79 -7.50 -7.83
N SER A 53 -10.55 -7.75 -8.21
CA SER A 53 -9.83 -8.95 -7.87
C SER A 53 -9.57 -9.09 -6.36
N VAL A 54 -9.12 -8.01 -5.74
CA VAL A 54 -8.98 -8.01 -4.28
C VAL A 54 -10.35 -8.35 -3.64
N GLN A 55 -11.41 -7.70 -4.10
CA GLN A 55 -12.75 -7.92 -3.54
C GLN A 55 -13.19 -9.39 -3.66
N GLU A 56 -13.01 -9.97 -4.84
CA GLU A 56 -13.31 -11.39 -5.03
C GLU A 56 -12.45 -12.31 -4.14
N MET A 57 -11.15 -12.03 -4.06
CA MET A 57 -10.26 -12.84 -3.26
C MET A 57 -10.72 -12.83 -1.79
N LEU A 58 -11.15 -11.67 -1.31
CA LEU A 58 -11.53 -11.52 0.10
C LEU A 58 -12.79 -12.34 0.43
N ARG A 59 -13.68 -12.51 -0.54
CA ARG A 59 -14.85 -13.40 -0.36
C ARG A 59 -14.47 -14.82 0.09
N GLY A 60 -13.32 -15.32 -0.36
CA GLY A 60 -12.83 -16.66 -0.01
C GLY A 60 -12.43 -16.74 1.45
N PHE A 61 -12.16 -15.57 2.05
CA PHE A 61 -11.83 -15.45 3.46
C PHE A 61 -13.02 -14.90 4.25
N ASN A 62 -14.23 -15.11 3.73
CA ASN A 62 -15.43 -14.68 4.44
C ASN A 62 -15.49 -13.18 4.68
N VAL A 63 -14.96 -12.40 3.75
CA VAL A 63 -15.03 -10.94 3.86
C VAL A 63 -15.75 -10.44 2.61
N GLU A 64 -16.90 -9.82 2.82
CA GLU A 64 -17.66 -9.18 1.76
C GLU A 64 -17.55 -7.69 1.97
N THR A 65 -16.76 -7.04 1.12
CA THR A 65 -16.52 -5.61 1.31
C THR A 65 -16.89 -4.86 0.03
N PRO A 66 -17.55 -3.67 0.18
CA PRO A 66 -17.81 -2.85 -1.01
C PRO A 66 -16.53 -2.50 -1.80
N LEU A 67 -16.65 -2.49 -3.11
CA LEU A 67 -15.50 -2.22 -3.96
C LEU A 67 -14.74 -0.94 -3.55
N GLU A 68 -15.49 0.09 -3.18
CA GLU A 68 -14.96 1.41 -2.85
C GLU A 68 -14.16 1.44 -1.54
N THR A 69 -14.21 0.37 -0.77
CA THR A 69 -13.34 0.30 0.42
C THR A 69 -11.90 -0.09 0.09
N ILE A 70 -11.59 -0.51 -1.14
CA ILE A 70 -10.28 -1.04 -1.45
C ILE A 70 -9.44 0.05 -2.14
N TYR A 71 -8.25 0.31 -1.59
CA TYR A 71 -7.40 1.34 -2.18
C TYR A 71 -5.98 0.80 -2.29
N THR A 72 -5.51 0.63 -3.52
CA THR A 72 -4.21 0.06 -3.74
C THR A 72 -3.19 1.10 -4.21
N ALA A 73 -1.91 0.73 -4.10
CA ALA A 73 -0.79 1.60 -4.56
C ALA A 73 -0.94 1.84 -6.06
N THR A 74 -1.51 0.92 -6.80
CA THR A 74 -1.77 1.17 -8.24
C THR A 74 -2.76 2.34 -8.42
N MET A 75 -3.89 2.31 -7.69
CA MET A 75 -4.89 3.38 -7.76
C MET A 75 -4.27 4.68 -7.35
N ALA A 76 -3.49 4.67 -6.29
CA ALA A 76 -2.94 5.95 -5.81
C ALA A 76 -1.92 6.50 -6.79
N THR A 77 -1.16 5.61 -7.45
CA THR A 77 -0.17 5.98 -8.49
C THR A 77 -0.90 6.64 -9.64
N VAL A 78 -1.97 6.03 -10.12
CA VAL A 78 -2.74 6.62 -11.23
C VAL A 78 -3.29 7.95 -10.80
N ASP A 79 -3.88 8.02 -9.60
CA ASP A 79 -4.46 9.26 -9.09
C ASP A 79 -3.41 10.38 -9.05
N TYR A 80 -2.23 10.06 -8.55
CA TYR A 80 -1.13 11.05 -8.50
C TYR A 80 -0.70 11.51 -9.90
N MET A 81 -0.58 10.56 -10.83
CA MET A 81 -0.24 10.93 -12.21
C MET A 81 -1.29 11.89 -12.78
N ASN A 82 -2.58 11.60 -12.58
CA ASN A 82 -3.67 12.44 -13.06
C ASN A 82 -3.58 13.81 -12.41
N ASP A 83 -3.33 13.86 -11.10
CA ASP A 83 -3.25 15.14 -10.42
C ASP A 83 -2.10 16.00 -10.95
N MET A 84 -0.93 15.40 -11.11
CA MET A 84 0.29 16.16 -11.47
C MET A 84 0.20 16.65 -12.92
N ASN A 85 -0.59 15.95 -13.73
CA ASN A 85 -1.05 16.49 -15.03
C ASN A 85 0.11 16.81 -15.96
N ARG A 86 1.14 15.97 -15.95
CA ARG A 86 2.35 16.21 -16.75
C ARG A 86 2.26 15.70 -18.17
N GLY A 87 1.23 14.90 -18.45
CA GLY A 87 1.01 14.44 -19.83
C GLY A 87 0.66 12.96 -19.86
N LYS A 88 -0.06 12.58 -20.90
CA LYS A 88 -0.63 11.26 -20.97
C LYS A 88 0.30 10.28 -21.69
N THR A 89 1.57 10.26 -21.24
CA THR A 89 2.54 9.29 -21.71
C THR A 89 3.29 8.74 -20.51
N ALA A 90 3.67 7.47 -20.60
CA ALA A 90 4.42 6.87 -19.49
C ALA A 90 5.27 5.73 -19.99
N TYR A 91 6.34 5.43 -19.27
CA TYR A 91 7.04 4.15 -19.45
C TYR A 91 6.94 3.44 -18.11
N VAL A 92 6.44 2.20 -18.16
CA VAL A 92 6.12 1.49 -16.91
C VAL A 92 6.93 0.21 -16.79
N ILE A 93 7.49 0.01 -15.60
CA ILE A 93 8.05 -1.29 -15.21
C ILE A 93 7.11 -1.86 -14.16
N GLY A 94 6.57 -3.05 -14.40
CA GLY A 94 5.69 -3.64 -13.40
C GLY A 94 4.95 -4.83 -13.96
N GLU A 95 4.00 -5.31 -13.18
CA GLU A 95 3.15 -6.40 -13.65
C GLU A 95 1.98 -5.88 -14.48
N GLU A 96 1.27 -6.81 -15.13
CA GLU A 96 0.19 -6.44 -16.03
CA GLU A 96 0.23 -6.38 -16.04
C GLU A 96 -0.89 -5.62 -15.33
N GLY A 97 -1.18 -5.92 -14.07
CA GLY A 97 -2.20 -5.18 -13.34
C GLY A 97 -1.92 -3.67 -13.33
N LEU A 98 -0.67 -3.34 -13.00
CA LEU A 98 -0.26 -1.93 -12.96
C LEU A 98 -0.27 -1.33 -14.36
N LYS A 99 0.27 -2.06 -15.33
CA LYS A 99 0.35 -1.54 -16.71
C LYS A 99 -1.05 -1.31 -17.29
N LYS A 100 -1.94 -2.26 -17.03
CA LYS A 100 -3.32 -2.08 -17.52
C LYS A 100 -4.03 -0.90 -16.88
N ALA A 101 -3.79 -0.68 -15.58
CA ALA A 101 -4.45 0.43 -14.87
C ALA A 101 -3.97 1.75 -15.48
N ILE A 102 -2.67 1.81 -15.78
CA ILE A 102 -2.09 3.06 -16.29
C ILE A 102 -2.60 3.33 -17.71
N ALA A 103 -2.68 2.27 -18.50
CA ALA A 103 -3.17 2.41 -19.89
C ALA A 103 -4.66 2.74 -19.88
N ASP A 104 -5.42 2.12 -18.98
CA ASP A 104 -6.84 2.40 -18.86
C ASP A 104 -7.11 3.86 -18.47
N ALA A 105 -6.16 4.47 -17.78
CA ALA A 105 -6.25 5.87 -17.37
C ALA A 105 -5.88 6.84 -18.48
N GLY A 106 -5.48 6.30 -19.62
CA GLY A 106 -5.21 7.11 -20.84
C GLY A 106 -3.75 7.35 -21.12
N TYR A 107 -2.84 6.78 -20.30
CA TYR A 107 -1.39 6.94 -20.52
C TYR A 107 -0.95 5.99 -21.60
N VAL A 108 -0.34 6.53 -22.65
CA VAL A 108 0.16 5.72 -23.73
C VAL A 108 1.66 5.46 -23.56
N GLU A 109 2.15 4.31 -24.00
CA GLU A 109 3.56 4.02 -23.84
C GLU A 109 4.40 4.97 -24.69
N ASP A 110 5.34 5.62 -24.04
CA ASP A 110 6.41 6.35 -24.72
C ASP A 110 7.73 5.88 -24.11
N THR A 111 8.54 5.15 -24.87
CA THR A 111 9.80 4.61 -24.33
C THR A 111 10.93 5.63 -24.31
N LYS A 112 10.75 6.81 -24.92
CA LYS A 112 11.83 7.78 -25.03
C LYS A 112 11.61 9.08 -24.26
N ASN A 113 10.46 9.73 -24.47
CA ASN A 113 10.16 11.01 -23.83
C ASN A 113 8.87 11.02 -23.05
N PRO A 114 8.67 9.97 -22.22
CA PRO A 114 7.40 9.93 -21.51
C PRO A 114 7.35 10.96 -20.41
N ALA A 115 6.12 11.40 -20.08
CA ALA A 115 5.91 12.39 -19.00
C ALA A 115 6.28 11.74 -17.69
N TYR A 116 5.97 10.44 -17.57
CA TYR A 116 6.18 9.68 -16.32
C TYR A 116 6.99 8.40 -16.57
N VAL A 117 7.85 8.05 -15.62
CA VAL A 117 8.39 6.69 -15.53
C VAL A 117 7.88 6.11 -14.22
N VAL A 118 7.26 4.94 -14.30
CA VAL A 118 6.57 4.40 -13.12
C VAL A 118 7.15 3.03 -12.89
N VAL A 119 7.57 2.76 -11.67
CA VAL A 119 8.29 1.49 -11.41
C VAL A 119 7.71 0.78 -10.21
N GLY A 120 7.14 -0.39 -10.49
CA GLY A 120 6.68 -1.32 -9.43
C GLY A 120 7.42 -2.65 -9.62
N LEU A 121 7.01 -3.64 -8.83
CA LEU A 121 7.61 -4.95 -8.96
C LEU A 121 7.28 -5.56 -10.32
N ASP A 122 8.31 -6.04 -11.00
CA ASP A 122 8.17 -6.78 -12.27
C ASP A 122 8.90 -8.09 -12.06
N TRP A 123 8.12 -9.18 -11.97
CA TRP A 123 8.71 -10.50 -11.78
C TRP A 123 9.65 -10.93 -12.92
N ASN A 124 9.57 -10.22 -14.06
CA ASN A 124 10.39 -10.54 -15.19
C ASN A 124 11.14 -9.31 -15.68
N VAL A 125 11.57 -8.49 -14.71
CA VAL A 125 12.39 -7.33 -15.10
C VAL A 125 13.67 -7.79 -15.82
N THR A 126 14.15 -6.94 -16.74
CA THR A 126 15.31 -7.24 -17.53
C THR A 126 16.22 -6.02 -17.55
N TYR A 127 17.50 -6.26 -17.86
CA TYR A 127 18.43 -5.14 -18.09
C TYR A 127 17.82 -4.14 -19.07
N ASP A 128 17.28 -4.61 -20.19
CA ASP A 128 16.81 -3.64 -21.19
C ASP A 128 15.65 -2.75 -20.69
N LYS A 129 14.75 -3.29 -19.85
CA LYS A 129 13.65 -2.49 -19.29
C LYS A 129 14.30 -1.43 -18.39
N LEU A 130 15.27 -1.88 -17.59
CA LEU A 130 15.95 -0.97 -16.65
C LEU A 130 16.72 0.12 -17.39
N ALA A 131 17.39 -0.25 -18.49
CA ALA A 131 18.11 0.74 -19.32
C ALA A 131 17.13 1.74 -19.94
N THR A 132 16.02 1.24 -20.46
CA THR A 132 14.98 2.13 -21.02
C THR A 132 14.50 3.14 -19.97
N ALA A 133 14.19 2.67 -18.76
CA ALA A 133 13.72 3.57 -17.71
C ALA A 133 14.80 4.56 -17.34
N THR A 134 16.04 4.10 -17.24
CA THR A 134 17.19 4.98 -16.89
C THR A 134 17.27 6.15 -17.84
N LEU A 135 17.25 5.88 -19.13
CA LEU A 135 17.37 6.94 -20.14
C LEU A 135 16.17 7.86 -20.06
N ALA A 136 14.97 7.30 -19.93
CA ALA A 136 13.77 8.12 -19.85
C ALA A 136 13.79 9.06 -18.63
N ILE A 137 14.30 8.58 -17.49
CA ILE A 137 14.44 9.40 -16.29
C ILE A 137 15.49 10.47 -16.54
N GLN A 138 16.65 10.07 -17.07
CA GLN A 138 17.71 11.05 -17.41
C GLN A 138 17.19 12.15 -18.32
N ASN A 139 16.29 11.80 -19.22
CA ASN A 139 15.69 12.73 -20.20
C ASN A 139 14.62 13.64 -19.60
N GLY A 140 14.28 13.44 -18.31
CA GLY A 140 13.39 14.35 -17.62
C GLY A 140 12.03 13.84 -17.19
N ALA A 141 11.77 12.55 -17.36
CA ALA A 141 10.46 12.04 -16.96
C ALA A 141 10.29 12.14 -15.44
N LEU A 142 9.04 12.27 -14.98
CA LEU A 142 8.77 12.34 -13.52
C LEU A 142 8.80 10.88 -13.04
N PHE A 143 9.80 10.57 -12.20
CA PHE A 143 10.09 9.20 -11.76
C PHE A 143 9.27 8.89 -10.49
N ILE A 144 8.42 7.88 -10.62
CA ILE A 144 7.49 7.45 -9.53
C ILE A 144 7.79 6.00 -9.23
N GLY A 145 7.97 5.70 -7.95
CA GLY A 145 7.96 4.28 -7.49
C GLY A 145 6.64 3.95 -6.84
N THR A 146 6.01 2.82 -7.21
CA THR A 146 4.66 2.57 -6.71
C THR A 146 4.66 2.32 -5.19
N ASN A 147 5.70 1.65 -4.74
CA ASN A 147 5.80 1.31 -3.29
C ASN A 147 7.25 1.03 -2.97
N PRO A 148 7.66 1.39 -1.74
CA PRO A 148 9.07 1.37 -1.36
C PRO A 148 9.60 0.06 -0.75
N ASP A 149 8.70 -0.92 -0.61
CA ASP A 149 9.09 -2.19 0.03
C ASP A 149 10.34 -2.78 -0.62
N LEU A 150 11.39 -3.03 0.18
CA LEU A 150 12.66 -3.51 -0.36
C LEU A 150 12.58 -4.98 -0.76
N ASN A 151 11.65 -5.71 -0.11
CA ASN A 151 11.51 -7.16 -0.34
C ASN A 151 10.06 -7.55 -0.50
N ILE A 152 9.84 -8.73 -1.06
CA ILE A 152 8.50 -9.30 -1.15
C ILE A 152 8.60 -10.76 -0.67
N PRO A 153 7.76 -11.13 0.30
CA PRO A 153 7.83 -12.52 0.76
C PRO A 153 7.21 -13.46 -0.27
N THR A 154 7.90 -14.56 -0.51
CA THR A 154 7.40 -15.60 -1.41
C THR A 154 7.71 -16.94 -0.79
N GLU A 155 7.20 -18.00 -1.41
CA GLU A 155 7.53 -19.36 -0.96
C GLU A 155 9.04 -19.64 -1.02
N ARG A 156 9.70 -19.02 -2.01
CA ARG A 156 11.17 -19.09 -2.14
C ARG A 156 11.96 -18.36 -1.05
N GLY A 157 11.38 -17.31 -0.49
CA GLY A 157 12.08 -16.52 0.51
C GLY A 157 11.78 -15.06 0.26
N LEU A 158 12.56 -14.18 0.89
CA LEU A 158 12.34 -12.72 0.79
C LEU A 158 13.07 -12.14 -0.41
N LEU A 159 12.34 -12.03 -1.50
CA LEU A 159 12.93 -11.70 -2.79
C LEU A 159 12.97 -10.16 -2.91
N PRO A 160 13.68 -9.66 -3.94
CA PRO A 160 13.65 -8.18 -4.14
C PRO A 160 12.25 -7.67 -4.44
N GLY A 161 11.87 -6.59 -3.75
CA GLY A 161 10.61 -5.93 -3.98
C GLY A 161 10.74 -4.67 -4.87
N ALA A 162 9.59 -4.03 -5.04
CA ALA A 162 9.55 -2.80 -5.90
C ALA A 162 10.61 -1.81 -5.47
N GLY A 163 10.80 -1.69 -4.15
CA GLY A 163 11.77 -0.69 -3.64
C GLY A 163 13.24 -0.99 -4.06
N SER A 164 13.58 -2.28 -4.25
CA SER A 164 14.88 -2.64 -4.68
C SER A 164 15.10 -2.33 -6.18
N LEU A 165 14.04 -2.57 -6.95
CA LEU A 165 14.14 -2.20 -8.39
C LEU A 165 14.32 -0.70 -8.53
N ASN A 166 13.53 0.03 -7.76
CA ASN A 166 13.68 1.54 -7.72
C ASN A 166 15.12 1.91 -7.30
N ALA A 167 15.65 1.18 -6.33
CA ALA A 167 17.02 1.47 -5.87
C ALA A 167 18.08 1.41 -6.98
N LEU A 168 17.92 0.47 -7.92
CA LEU A 168 18.84 0.36 -9.04
C LEU A 168 18.76 1.64 -9.90
N LEU A 169 17.53 2.08 -10.13
CA LEU A 169 17.35 3.24 -11.03
C LEU A 169 17.79 4.52 -10.32
N GLU A 170 17.53 4.62 -9.02
CA GLU A 170 18.05 5.77 -8.29
C GLU A 170 19.59 5.81 -8.38
N ALA A 171 20.23 4.65 -8.25
CA ALA A 171 21.69 4.60 -8.34
C ALA A 171 22.15 5.06 -9.74
N ALA A 172 21.43 4.57 -10.77
CA ALA A 172 21.86 4.82 -12.14
C ALA A 172 21.56 6.21 -12.64
N THR A 173 20.63 6.90 -11.97
CA THR A 173 20.18 8.23 -12.46
C THR A 173 20.49 9.36 -11.45
N ARG A 174 20.74 9.04 -10.19
CA ARG A 174 20.86 9.99 -9.07
C ARG A 174 19.55 10.72 -8.80
N ILE A 175 18.45 10.19 -9.34
CA ILE A 175 17.12 10.75 -9.08
C ILE A 175 16.36 9.84 -8.12
N LYS A 176 15.91 10.38 -7.00
CA LYS A 176 15.08 9.60 -6.08
C LYS A 176 13.63 9.58 -6.57
N PRO A 177 12.99 8.40 -6.60
CA PRO A 177 11.60 8.36 -7.06
C PRO A 177 10.67 9.01 -6.06
N VAL A 178 9.54 9.50 -6.51
CA VAL A 178 8.44 9.85 -5.63
C VAL A 178 7.77 8.51 -5.32
N PHE A 179 7.84 8.07 -4.06
CA PHE A 179 7.23 6.78 -3.69
C PHE A 179 5.81 7.03 -3.24
N ILE A 180 4.87 6.29 -3.80
CA ILE A 180 3.47 6.54 -3.56
C ILE A 180 2.97 5.75 -2.33
N GLY A 181 3.40 4.49 -2.27
CA GLY A 181 2.81 3.53 -1.31
C GLY A 181 3.21 3.76 0.15
N LYS A 182 2.59 2.98 1.04
CA LYS A 182 2.92 3.10 2.47
C LYS A 182 4.41 2.85 2.67
N PRO A 183 5.06 3.58 3.62
CA PRO A 183 4.46 4.52 4.56
C PRO A 183 4.38 5.97 4.08
N ASN A 184 4.49 6.20 2.78
CA ASN A 184 4.55 7.57 2.25
C ASN A 184 3.17 8.28 2.29
N ALA A 185 3.19 9.62 2.18
CA ALA A 185 2.01 10.42 2.38
C ALA A 185 0.93 10.25 1.33
N ILE A 186 1.32 10.07 0.06
CA ILE A 186 0.34 10.17 -1.02
C ILE A 186 -0.78 9.12 -0.88
N ILE A 187 -0.40 7.86 -0.70
CA ILE A 187 -1.46 6.85 -0.55
C ILE A 187 -2.27 7.08 0.73
N MET A 188 -1.61 7.58 1.78
CA MET A 188 -2.32 7.82 3.04
C MET A 188 -3.30 8.98 2.95
N ASN A 189 -2.88 10.08 2.32
CA ASN A 189 -3.76 11.22 2.13
C ASN A 189 -4.98 10.87 1.31
N LYS A 190 -4.73 10.11 0.23
CA LYS A 190 -5.82 9.74 -0.67
C LYS A 190 -6.79 8.75 -0.03
N ALA A 191 -6.27 7.83 0.78
CA ALA A 191 -7.16 6.89 1.46
C ALA A 191 -7.98 7.62 2.51
N LEU A 192 -7.36 8.57 3.21
CA LEU A 192 -8.05 9.39 4.20
C LEU A 192 -9.15 10.23 3.55
N GLU A 193 -8.86 10.76 2.37
CA GLU A 193 -9.85 11.53 1.63
C GLU A 193 -11.10 10.70 1.33
N ILE A 194 -10.91 9.48 0.86
CA ILE A 194 -12.02 8.59 0.55
C ILE A 194 -12.76 8.17 1.84
N LEU A 195 -11.98 7.90 2.88
CA LEU A 195 -12.55 7.59 4.19
C LEU A 195 -13.46 8.72 4.70
N ASN A 196 -13.02 9.96 4.47
CA ASN A 196 -13.76 11.18 4.83
C ASN A 196 -13.97 11.27 6.34
N ILE A 197 -12.92 10.94 7.08
CA ILE A 197 -12.87 11.10 8.53
C ILE A 197 -11.58 11.85 8.83
N PRO A 198 -11.62 12.82 9.78
CA PRO A 198 -10.42 13.57 10.15
C PRO A 198 -9.28 12.65 10.60
N ARG A 199 -8.07 13.06 10.29
CA ARG A 199 -6.88 12.30 10.57
C ARG A 199 -6.80 11.92 12.06
N ASN A 200 -7.17 12.86 12.94
CA ASN A 200 -7.05 12.61 14.39
C ASN A 200 -8.18 11.76 14.99
N GLN A 201 -9.04 11.24 14.11
CA GLN A 201 -10.16 10.36 14.49
C GLN A 201 -10.02 8.98 13.82
N ALA A 202 -8.90 8.80 13.12
CA ALA A 202 -8.59 7.59 12.36
C ALA A 202 -7.51 6.76 13.04
N VAL A 203 -7.47 5.45 12.74
CA VAL A 203 -6.37 4.60 13.19
C VAL A 203 -5.92 3.73 11.99
N MET A 204 -4.60 3.53 11.86
CA MET A 204 -4.01 2.67 10.82
C MET A 204 -3.73 1.33 11.50
N VAL A 205 -4.21 0.24 10.89
CA VAL A 205 -4.14 -1.10 11.50
C VAL A 205 -3.31 -1.99 10.58
N GLY A 206 -2.30 -2.65 11.10
CA GLY A 206 -1.52 -3.53 10.23
C GLY A 206 -0.52 -4.38 10.94
N ASP A 207 0.11 -5.24 10.17
CA ASP A 207 1.07 -6.19 10.72
C ASP A 207 2.53 -5.82 10.50
N ASN A 208 2.79 -4.77 9.71
CA ASN A 208 4.12 -4.54 9.16
C ASN A 208 4.63 -3.21 9.70
N TYR A 209 5.63 -3.24 10.56
CA TYR A 209 6.05 -1.99 11.22
C TYR A 209 6.49 -0.94 10.18
N LEU A 210 7.37 -1.36 9.26
CA LEU A 210 7.98 -0.36 8.35
C LEU A 210 7.04 0.25 7.34
N THR A 211 5.98 -0.48 6.95
CA THR A 211 5.02 0.10 6.03
C THR A 211 3.78 0.65 6.72
N ASP A 212 3.09 -0.18 7.53
CA ASP A 212 1.82 0.27 8.18
C ASP A 212 2.05 1.17 9.39
N ILE A 213 2.95 0.78 10.27
CA ILE A 213 3.05 1.55 11.50
C ILE A 213 3.84 2.85 11.24
N MET A 214 4.92 2.77 10.48
CA MET A 214 5.56 4.03 10.07
C MET A 214 4.64 4.90 9.24
N ALA A 215 3.69 4.31 8.50
CA ALA A 215 2.67 5.12 7.79
C ALA A 215 1.94 6.04 8.77
N GLY A 216 1.59 5.51 9.93
CA GLY A 216 0.95 6.34 10.95
C GLY A 216 1.91 7.30 11.65
N ILE A 217 3.10 6.82 12.02
CA ILE A 217 4.04 7.71 12.73
C ILE A 217 4.41 8.89 11.82
N ASN A 218 4.71 8.59 10.55
CA ASN A 218 5.26 9.66 9.66
C ASN A 218 4.18 10.62 9.21
N ASN A 219 2.93 10.17 9.18
CA ASN A 219 1.83 10.97 8.74
C ASN A 219 0.88 11.46 9.84
N ASP A 220 1.27 11.20 11.10
CA ASP A 220 0.50 11.62 12.29
C ASP A 220 -0.90 11.00 12.33
N ILE A 221 -0.93 9.67 12.33
CA ILE A 221 -2.18 8.91 12.51
C ILE A 221 -1.87 7.81 13.53
N ASP A 222 -2.77 7.63 14.51
CA ASP A 222 -2.57 6.57 15.51
C ASP A 222 -2.50 5.21 14.84
N THR A 223 -1.87 4.28 15.54
CA THR A 223 -1.49 3.01 14.93
C THR A 223 -1.84 1.81 15.81
N LEU A 224 -2.32 0.75 15.14
CA LEU A 224 -2.56 -0.52 15.83
C LEU A 224 -1.68 -1.54 15.10
N LEU A 225 -0.69 -2.06 15.80
CA LEU A 225 0.10 -3.18 15.30
C LEU A 225 -0.48 -4.47 15.80
N VAL A 226 -0.82 -5.35 14.87
CA VAL A 226 -1.23 -6.74 15.24
C VAL A 226 -0.15 -7.70 14.76
N THR A 227 0.31 -8.58 15.66
CA THR A 227 1.54 -9.34 15.40
C THR A 227 1.32 -10.69 14.69
N THR A 228 0.42 -10.68 13.71
CA THR A 228 0.05 -11.89 12.96
C THR A 228 0.77 -12.06 11.64
N GLY A 229 1.60 -11.06 11.30
CA GLY A 229 2.23 -11.02 9.98
C GLY A 229 3.72 -10.77 10.03
N PHE A 230 4.15 -9.73 9.31
CA PHE A 230 5.56 -9.51 9.05
C PHE A 230 6.41 -9.18 10.26
N THR A 231 5.91 -8.30 11.11
CA THR A 231 6.63 -7.93 12.32
C THR A 231 6.31 -8.93 13.43
N THR A 232 7.33 -9.62 13.89
CA THR A 232 7.09 -10.65 14.91
C THR A 232 6.96 -10.10 16.33
N VAL A 233 6.32 -10.89 17.17
CA VAL A 233 6.18 -10.61 18.59
C VAL A 233 7.54 -10.26 19.24
N GLU A 234 8.59 -10.99 18.84
CA GLU A 234 9.94 -10.81 19.43
C GLU A 234 10.55 -9.48 19.07
N GLU A 235 10.18 -8.94 17.90
CA GLU A 235 10.71 -7.66 17.40
C GLU A 235 10.11 -6.44 18.08
N VAL A 236 8.97 -6.61 18.74
CA VAL A 236 8.23 -5.45 19.29
C VAL A 236 9.04 -4.62 20.31
N PRO A 237 9.66 -5.28 21.31
CA PRO A 237 10.42 -4.48 22.32
C PRO A 237 11.51 -3.54 21.75
N ASP A 238 12.09 -3.89 20.62
CA ASP A 238 13.19 -3.12 20.03
C ASP A 238 12.74 -2.17 18.94
N LEU A 239 11.44 -2.01 18.76
CA LEU A 239 10.96 -0.98 17.83
C LEU A 239 11.39 0.39 18.32
N PRO A 240 11.92 1.24 17.44
CA PRO A 240 12.38 2.56 17.88
C PRO A 240 11.24 3.44 18.38
N ILE A 241 10.05 3.30 17.79
CA ILE A 241 8.89 4.07 18.20
C ILE A 241 7.74 3.08 18.34
N GLN A 242 7.19 2.95 19.54
CA GLN A 242 6.08 2.00 19.74
C GLN A 242 4.82 2.46 18.98
N PRO A 243 4.04 1.50 18.46
CA PRO A 243 2.72 1.84 17.92
C PRO A 243 1.84 2.37 19.04
N SER A 244 0.69 2.95 18.68
CA SER A 244 -0.27 3.41 19.70
C SER A 244 -0.81 2.19 20.49
N TYR A 245 -1.00 1.08 19.78
CA TYR A 245 -1.48 -0.18 20.40
C TYR A 245 -0.76 -1.35 19.76
N VAL A 246 -0.51 -2.39 20.56
CA VAL A 246 0.02 -3.63 20.04
C VAL A 246 -0.90 -4.72 20.54
N LEU A 247 -1.37 -5.55 19.60
CA LEU A 247 -2.33 -6.62 19.88
C LEU A 247 -1.79 -7.92 19.33
N ALA A 248 -2.05 -9.03 20.06
CA ALA A 248 -1.76 -10.32 19.48
C ALA A 248 -2.84 -10.81 18.52
N SER A 249 -4.08 -10.37 18.72
CA SER A 249 -5.20 -10.73 17.86
C SER A 249 -6.14 -9.54 17.78
N LEU A 250 -6.66 -9.29 16.58
CA LEU A 250 -7.68 -8.29 16.44
C LEU A 250 -8.94 -8.53 17.27
N ASP A 251 -9.12 -9.78 17.74
CA ASP A 251 -10.24 -10.05 18.65
C ASP A 251 -10.12 -9.23 19.95
N GLU A 252 -8.92 -8.77 20.30
CA GLU A 252 -8.76 -7.96 21.53
C GLU A 252 -9.30 -6.54 21.39
N TRP A 253 -9.47 -6.10 20.14
CA TRP A 253 -9.95 -4.73 19.91
C TRP A 253 -11.44 -4.65 20.16
N THR A 254 -11.88 -3.63 20.88
CA THR A 254 -13.30 -3.47 21.23
C THR A 254 -14.08 -2.50 20.33
N PHE A 255 -13.33 -1.61 19.66
CA PHE A 255 -13.89 -0.47 18.91
C PHE A 255 -14.33 0.70 19.78
N ASN A 256 -14.10 0.57 21.07
CA ASN A 256 -14.26 1.68 22.02
C ASN A 256 -13.00 2.51 22.17
N GLU A 257 -11.88 1.99 21.65
CA GLU A 257 -10.60 2.72 21.67
C GLU A 257 -10.74 4.03 20.91
N GLY A 258 -10.03 5.07 21.34
CA GLY A 258 -9.98 6.35 20.64
C GLY A 258 -8.72 7.16 20.90
N HIS A 259 -8.60 8.27 20.16
CA HIS A 259 -7.47 9.19 20.21
C HIS A 259 -7.48 9.93 21.53
N HIS A 260 -6.36 9.92 22.24
CA HIS A 260 -6.28 10.66 23.53
C HIS A 260 -7.43 10.28 24.46
N HIS A 261 -7.98 9.08 24.26
CA HIS A 261 -9.22 8.67 24.93
C HIS A 261 -8.96 7.44 25.77
C1 GOL B . 9.32 -6.03 2.99
O1 GOL B . 10.10 -5.00 2.39
C2 GOL B . 7.82 -5.82 2.82
O2 GOL B . 7.44 -4.56 3.29
C3 GOL B . 7.13 -6.94 3.61
O3 GOL B . 5.83 -7.13 3.08
NA NA C . 0.70 -6.56 5.60
#